data_3LHA
#
_entry.id   3LHA
#
_cell.length_a   118.140
_cell.length_b   118.140
_cell.length_c   193.274
_cell.angle_alpha   90.00
_cell.angle_beta   90.00
_cell.angle_gamma   90.00
#
_symmetry.space_group_name_H-M   'P 41 21 2'
#
loop_
_entity.id
_entity.type
_entity.pdbx_description
1 polymer 'Vacuolar protein sorting-associated protein 26B'
2 water water
#
_entity_poly.entity_id   1
_entity_poly.type   'polypeptide(L)'
_entity_poly.pdbx_seq_one_letter_code
;MGSHHHHHHMGQSVEVEILLNDAESRKRAEHKTEDGKKEKYFLFYDGETVSGKVSLSLKNPNKRLEHQGIKIEFIGQIEL
YYDRGNHHEFVSLVKDLARPGEITQSQAFDFEFTHVEKPYESYTGQNVKLRYFLRATISRRLNDVVKEMDIVVHTLSTYP
ELNSSIKMEVGIEDCLHIEFEYNKSKYHLKDVIVGKIYFLSVEIKIKHMEIDIIKRETTGTGPNVYHENDTIAKYEIMDG
APVRGSSIPIRLFLAGYELTPTMRDINKKFSVRYYLNLVLIDEEERRYFKQQEVVLWRKGDIVRKSMSHQAAIASQRFEG
TTSLGEVRTPGQLSDNNSRQ
;
_entity_poly.pdbx_strand_id   A,B
#
# COMPACT_ATOMS: atom_id res chain seq x y z
N SER A 13 -36.65 9.64 27.04
CA SER A 13 -37.70 10.61 26.76
C SER A 13 -38.47 10.25 25.47
N VAL A 14 -37.76 10.26 24.33
CA VAL A 14 -38.37 9.91 23.05
C VAL A 14 -37.66 8.76 22.38
N GLU A 15 -38.43 7.98 21.63
CA GLU A 15 -37.86 6.90 20.86
C GLU A 15 -38.30 7.05 19.41
N VAL A 16 -37.30 7.29 18.55
CA VAL A 16 -37.56 7.56 17.16
C VAL A 16 -37.27 6.39 16.26
N GLU A 17 -38.30 5.93 15.55
CA GLU A 17 -38.14 4.90 14.54
C GLU A 17 -38.24 5.56 13.17
N ILE A 18 -37.44 5.07 12.22
CA ILE A 18 -37.63 5.39 10.82
C ILE A 18 -38.15 4.14 10.12
N LEU A 19 -39.29 4.24 9.44
CA LEU A 19 -39.93 3.08 8.83
C LEU A 19 -40.19 3.34 7.36
N LEU A 20 -39.73 2.43 6.51
CA LEU A 20 -39.93 2.64 5.09
C LEU A 20 -41.24 2.06 4.65
N ASN A 21 -41.82 2.66 3.63
CA ASN A 21 -43.00 2.10 2.98
C ASN A 21 -42.62 0.81 2.30
N ASP A 22 -43.55 -0.13 2.23
CA ASP A 22 -43.23 -1.41 1.60
C ASP A 22 -41.95 -2.02 2.15
N ALA A 23 -41.73 -1.83 3.45
CA ALA A 23 -40.55 -2.35 4.11
C ALA A 23 -40.40 -3.85 3.83
N GLU A 24 -41.46 -4.60 4.09
CA GLU A 24 -41.39 -6.05 3.94
C GLU A 24 -41.53 -6.47 2.48
N SER A 25 -41.64 -5.51 1.57
CA SER A 25 -41.68 -5.85 0.17
C SER A 25 -40.36 -5.56 -0.53
N ARG A 26 -39.55 -4.66 0.02
CA ARG A 26 -38.31 -4.33 -0.65
C ARG A 26 -37.11 -5.15 -0.13
N LYS A 27 -36.11 -5.21 -0.98
CA LYS A 27 -34.97 -6.10 -0.89
C LYS A 27 -33.96 -5.57 0.10
N ARG A 28 -33.25 -6.47 0.76
CA ARG A 28 -32.20 -6.07 1.66
C ARG A 28 -30.89 -6.70 1.13
N ALA A 29 -29.77 -6.08 1.42
CA ALA A 29 -28.51 -6.61 0.90
C ALA A 29 -27.52 -6.67 2.02
N GLU A 30 -26.61 -7.62 1.96
CA GLU A 30 -25.63 -7.72 3.04
C GLU A 30 -24.54 -6.69 2.78
N HIS A 31 -24.08 -6.07 3.85
CA HIS A 31 -23.01 -5.08 3.75
C HIS A 31 -22.19 -5.08 5.02
N LYS A 32 -20.88 -5.13 4.84
CA LYS A 32 -19.96 -5.25 5.97
C LYS A 32 -19.68 -3.87 6.52
N THR A 33 -19.63 -3.75 7.85
CA THR A 33 -19.47 -2.46 8.47
C THR A 33 -18.04 -2.27 8.94
N GLU A 34 -17.77 -1.10 9.47
CA GLU A 34 -16.41 -0.71 9.83
C GLU A 34 -15.78 -1.71 10.79
N ASP A 35 -16.62 -2.33 11.60
CA ASP A 35 -16.16 -3.38 12.52
C ASP A 35 -15.67 -4.58 11.71
N GLY A 36 -16.63 -5.31 11.16
CA GLY A 36 -16.33 -6.50 10.38
C GLY A 36 -17.58 -7.34 10.24
N LYS A 37 -18.59 -7.00 11.03
CA LYS A 37 -19.89 -7.65 10.98
C LYS A 37 -20.61 -7.36 9.68
N LYS A 38 -21.34 -8.34 9.18
CA LYS A 38 -22.15 -8.11 8.01
C LYS A 38 -23.59 -7.96 8.48
N GLU A 39 -24.15 -6.78 8.27
CA GLU A 39 -25.57 -6.58 8.50
C GLU A 39 -26.31 -6.48 7.17
N LYS A 40 -27.61 -6.71 7.24
CA LYS A 40 -28.45 -6.56 6.06
C LYS A 40 -29.14 -5.20 6.12
N TYR A 41 -29.22 -4.53 4.99
CA TYR A 41 -29.87 -3.23 4.94
C TYR A 41 -30.76 -3.16 3.75
N PHE A 42 -31.64 -2.16 3.74
CA PHE A 42 -32.52 -1.95 2.61
C PHE A 42 -31.69 -1.56 1.39
N LEU A 43 -31.82 -2.33 0.33
CA LEU A 43 -31.11 -2.04 -0.89
C LEU A 43 -31.92 -1.04 -1.71
N PHE A 44 -31.24 -0.06 -2.29
CA PHE A 44 -31.87 0.95 -3.14
C PHE A 44 -30.97 1.16 -4.36
N TYR A 45 -31.57 1.58 -5.47
CA TYR A 45 -30.82 1.90 -6.68
C TYR A 45 -31.00 3.37 -7.00
N ASP A 46 -30.15 3.85 -7.89
CA ASP A 46 -30.16 5.25 -8.31
C ASP A 46 -31.58 5.69 -8.73
N GLY A 47 -31.99 6.87 -8.28
CA GLY A 47 -33.26 7.46 -8.67
C GLY A 47 -34.44 7.11 -7.76
N GLU A 48 -34.48 5.87 -7.29
CA GLU A 48 -35.63 5.37 -6.53
C GLU A 48 -36.17 6.33 -5.48
N THR A 49 -37.48 6.31 -5.29
CA THR A 49 -38.11 7.06 -4.22
C THR A 49 -37.72 6.46 -2.88
N VAL A 50 -37.35 7.33 -1.94
CA VAL A 50 -37.21 6.92 -0.57
C VAL A 50 -38.33 7.60 0.20
N SER A 51 -39.17 6.81 0.86
CA SER A 51 -40.33 7.36 1.56
C SER A 51 -40.77 6.45 2.69
N GLY A 52 -41.42 7.06 3.68
CA GLY A 52 -41.97 6.31 4.78
C GLY A 52 -42.48 7.25 5.84
N LYS A 53 -42.23 6.90 7.09
CA LYS A 53 -42.63 7.72 8.22
C LYS A 53 -41.56 7.75 9.31
N VAL A 54 -41.42 8.90 9.96
CA VAL A 54 -40.64 9.00 11.20
C VAL A 54 -41.65 8.79 12.33
N SER A 55 -41.38 7.82 13.18
CA SER A 55 -42.32 7.45 14.21
C SER A 55 -41.80 7.87 15.58
N LEU A 56 -42.61 8.62 16.31
CA LEU A 56 -42.21 9.06 17.64
C LEU A 56 -42.95 8.28 18.71
N SER A 57 -42.23 7.90 19.75
CA SER A 57 -42.84 7.18 20.87
C SER A 57 -42.52 7.88 22.17
N LEU A 58 -43.56 8.31 22.86
CA LEU A 58 -43.40 8.97 24.14
C LEU A 58 -43.17 7.94 25.23
N LYS A 59 -41.95 7.91 25.73
CA LYS A 59 -41.57 7.00 26.79
C LYS A 59 -42.53 7.21 27.96
N ASN A 60 -42.71 8.47 28.34
CA ASN A 60 -43.62 8.83 29.40
C ASN A 60 -44.89 9.47 28.84
N PRO A 61 -45.96 8.64 28.65
CA PRO A 61 -47.23 9.03 28.03
C PRO A 61 -47.59 10.43 28.46
N ASN A 62 -47.37 10.61 29.77
CA ASN A 62 -47.76 11.72 30.64
C ASN A 62 -46.82 12.90 30.62
N LYS A 63 -46.23 13.19 29.48
CA LYS A 63 -45.16 14.18 29.45
C LYS A 63 -45.03 14.86 28.08
N ARG A 64 -45.07 16.19 28.10
CA ARG A 64 -44.80 16.99 26.92
C ARG A 64 -43.33 16.79 26.53
N LEU A 65 -43.08 16.83 25.22
CA LEU A 65 -41.72 16.92 24.72
C LEU A 65 -41.67 18.11 23.77
N GLU A 66 -40.98 19.16 24.21
CA GLU A 66 -40.92 20.40 23.46
C GLU A 66 -39.72 20.34 22.51
N HIS A 67 -39.70 21.19 21.49
CA HIS A 67 -38.68 21.07 20.45
C HIS A 67 -38.68 22.24 19.49
N GLN A 68 -37.65 22.32 18.66
CA GLN A 68 -37.56 23.38 17.68
C GLN A 68 -37.70 22.91 16.24
N GLY A 69 -38.39 21.80 16.06
CA GLY A 69 -38.66 21.31 14.73
C GLY A 69 -38.24 19.87 14.63
N ILE A 70 -38.94 19.14 13.78
CA ILE A 70 -38.60 17.77 13.47
C ILE A 70 -38.39 17.72 11.96
N LYS A 71 -37.32 17.04 11.54
CA LYS A 71 -37.00 16.92 10.11
C LYS A 71 -36.40 15.58 9.75
N ILE A 72 -36.56 15.20 8.49
CA ILE A 72 -35.95 14.00 7.98
C ILE A 72 -34.94 14.41 6.89
N GLU A 73 -33.75 13.79 6.90
CA GLU A 73 -32.76 14.04 5.86
C GLU A 73 -32.40 12.76 5.07
N PHE A 74 -32.22 12.89 3.76
CA PHE A 74 -31.57 11.82 3.03
C PHE A 74 -30.16 12.24 2.65
N ILE A 75 -29.17 11.52 3.12
CA ILE A 75 -27.82 11.95 2.90
C ILE A 75 -26.97 10.85 2.29
N GLY A 76 -26.24 11.24 1.24
CA GLY A 76 -25.19 10.41 0.66
C GLY A 76 -23.89 11.14 0.87
N GLN A 77 -22.94 10.51 1.54
CA GLN A 77 -21.69 11.19 1.83
C GLN A 77 -20.46 10.30 1.76
N ILE A 78 -19.30 10.93 1.56
CA ILE A 78 -18.01 10.25 1.63
C ILE A 78 -17.23 10.66 2.89
N GLU A 79 -16.83 9.67 3.68
CA GLU A 79 -16.06 9.93 4.90
C GLU A 79 -14.64 9.45 4.76
N LEU A 80 -13.69 10.38 4.77
CA LEU A 80 -12.25 10.08 4.74
C LEU A 80 -11.68 9.89 6.14
N TYR A 81 -11.05 8.76 6.40
CA TYR A 81 -10.63 8.44 7.77
C TYR A 81 -9.44 9.27 8.27
N TYR A 82 -8.67 9.85 7.35
CA TYR A 82 -7.59 10.72 7.73
C TYR A 82 -8.08 12.14 8.02
N ASP A 83 -9.40 12.29 8.10
CA ASP A 83 -10.04 13.59 8.26
C ASP A 83 -11.43 13.29 8.73
N ARG A 84 -11.53 12.36 9.66
CA ARG A 84 -12.78 11.73 10.07
C ARG A 84 -13.93 12.70 10.39
N GLY A 85 -13.63 13.87 10.93
CA GLY A 85 -14.72 14.76 11.26
C GLY A 85 -15.42 15.41 10.06
N ASN A 86 -14.67 15.60 8.98
CA ASN A 86 -15.10 16.43 7.86
C ASN A 86 -15.80 15.67 6.73
N HIS A 87 -17.09 15.39 6.90
CA HIS A 87 -17.86 14.68 5.88
C HIS A 87 -18.04 15.42 4.54
N HIS A 88 -18.06 14.66 3.45
CA HIS A 88 -18.26 15.26 2.14
C HIS A 88 -19.51 14.72 1.54
N GLU A 89 -20.59 15.49 1.67
CA GLU A 89 -21.90 15.02 1.28
C GLU A 89 -22.08 15.31 -0.20
N PHE A 90 -22.47 14.31 -0.97
CA PHE A 90 -22.66 14.51 -2.38
C PHE A 90 -24.14 14.61 -2.75
N VAL A 91 -25.00 14.15 -1.85
CA VAL A 91 -26.45 14.37 -1.95
C VAL A 91 -27.07 14.59 -0.58
N SER A 92 -27.82 15.68 -0.45
CA SER A 92 -28.52 16.01 0.79
C SER A 92 -29.87 16.56 0.46
N LEU A 93 -30.90 15.86 0.93
CA LEU A 93 -32.28 16.26 0.77
C LEU A 93 -32.84 16.51 2.15
N VAL A 94 -33.58 17.61 2.29
CA VAL A 94 -34.11 17.96 3.61
C VAL A 94 -35.59 18.30 3.54
N LYS A 95 -36.38 17.55 4.28
CA LYS A 95 -37.81 17.78 4.36
C LYS A 95 -38.12 18.05 5.83
N ASP A 96 -38.60 19.25 6.12
CA ASP A 96 -39.03 19.57 7.47
C ASP A 96 -40.41 18.99 7.72
N LEU A 97 -40.61 18.41 8.89
CA LEU A 97 -41.82 17.65 9.17
C LEU A 97 -42.71 18.35 10.19
N ALA A 98 -42.09 19.08 11.10
CA ALA A 98 -42.81 19.83 12.12
C ALA A 98 -42.14 21.15 12.44
N ARG A 99 -42.93 22.15 12.79
CA ARG A 99 -42.40 23.43 13.21
C ARG A 99 -42.11 23.37 14.69
N PRO A 100 -41.28 24.29 15.19
CA PRO A 100 -41.09 24.26 16.64
C PRO A 100 -42.47 24.30 17.28
N GLY A 101 -42.65 23.41 18.25
CA GLY A 101 -43.89 23.29 19.01
C GLY A 101 -43.59 22.26 20.07
N GLU A 102 -44.52 21.32 20.27
CA GLU A 102 -44.29 20.28 21.25
C GLU A 102 -45.10 19.03 20.99
N ILE A 103 -44.51 17.89 21.31
CA ILE A 103 -45.15 16.60 21.12
C ILE A 103 -45.84 16.18 22.41
N THR A 104 -47.14 15.89 22.32
CA THR A 104 -47.90 15.54 23.52
C THR A 104 -48.48 14.13 23.44
N GLN A 105 -48.02 13.35 22.48
CA GLN A 105 -48.60 12.05 22.21
C GLN A 105 -47.92 11.34 21.05
N SER A 106 -47.49 10.11 21.27
CA SER A 106 -46.90 9.32 20.21
C SER A 106 -47.66 9.47 18.90
N GLN A 107 -46.91 9.75 17.83
CA GLN A 107 -47.48 9.95 16.50
C GLN A 107 -46.40 9.79 15.44
N ALA A 108 -46.77 9.93 14.18
CA ALA A 108 -45.80 9.73 13.11
C ALA A 108 -45.94 10.75 12.01
N PHE A 109 -44.88 10.88 11.22
CA PHE A 109 -44.83 11.83 10.14
C PHE A 109 -44.48 11.17 8.83
N ASP A 110 -45.34 11.33 7.84
CA ASP A 110 -45.03 10.84 6.50
C ASP A 110 -43.94 11.68 5.83
N PHE A 111 -43.10 11.02 5.05
CA PHE A 111 -42.15 11.75 4.21
C PHE A 111 -41.92 10.98 2.91
N GLU A 112 -41.54 11.70 1.87
CA GLU A 112 -41.22 11.06 0.62
C GLU A 112 -40.23 11.92 -0.12
N PHE A 113 -39.14 11.28 -0.55
CA PHE A 113 -38.22 11.91 -1.47
C PHE A 113 -38.35 11.15 -2.78
N THR A 114 -39.00 11.77 -3.77
CA THR A 114 -39.07 11.20 -5.11
C THR A 114 -37.83 11.68 -5.83
N HIS A 115 -37.28 10.89 -6.74
CA HIS A 115 -36.06 11.31 -7.44
C HIS A 115 -34.92 11.56 -6.48
N VAL A 116 -34.30 10.49 -5.99
CA VAL A 116 -33.13 10.61 -5.15
C VAL A 116 -31.89 10.14 -5.85
N GLU A 117 -30.99 11.07 -6.14
CA GLU A 117 -29.72 10.67 -6.76
C GLU A 117 -28.89 9.79 -5.85
N LYS A 118 -28.37 8.70 -6.40
CA LYS A 118 -27.44 7.82 -5.72
C LYS A 118 -26.50 7.32 -6.79
N PRO A 119 -25.48 8.14 -7.12
CA PRO A 119 -24.62 7.92 -8.28
C PRO A 119 -23.60 6.82 -8.05
N TYR A 120 -23.30 6.55 -6.78
CA TYR A 120 -22.19 5.68 -6.44
C TYR A 120 -22.62 4.61 -5.47
N GLU A 121 -21.95 3.45 -5.56
CA GLU A 121 -22.22 2.31 -4.72
C GLU A 121 -21.64 2.45 -3.28
N SER A 122 -22.37 1.96 -2.30
CA SER A 122 -21.91 2.03 -0.93
C SER A 122 -20.58 1.32 -0.82
N TYR A 123 -19.68 1.87 -0.02
CA TYR A 123 -18.39 1.26 0.12
C TYR A 123 -17.87 1.44 1.53
N THR A 124 -17.35 0.37 2.11
CA THR A 124 -16.80 0.46 3.46
C THR A 124 -15.37 -0.01 3.44
N GLY A 125 -14.44 0.91 3.25
CA GLY A 125 -13.05 0.56 2.99
C GLY A 125 -12.11 0.66 4.18
N GLN A 126 -10.83 0.85 3.85
CA GLN A 126 -9.75 0.81 4.82
C GLN A 126 -9.43 2.21 5.34
N ASN A 127 -9.46 3.19 4.44
CA ASN A 127 -9.18 4.58 4.76
C ASN A 127 -10.33 5.51 4.38
N VAL A 128 -11.44 4.93 4.00
CA VAL A 128 -12.53 5.71 3.46
C VAL A 128 -13.79 4.88 3.48
N LYS A 129 -14.92 5.58 3.41
CA LYS A 129 -16.21 4.95 3.53
C LYS A 129 -17.18 5.84 2.78
N LEU A 130 -18.16 5.21 2.13
CA LEU A 130 -19.18 5.96 1.41
C LEU A 130 -20.51 5.37 1.79
N ARG A 131 -21.32 6.15 2.46
CA ARG A 131 -22.62 5.65 2.86
C ARG A 131 -23.78 6.56 2.60
N TYR A 132 -24.95 5.93 2.59
CA TYR A 132 -26.21 6.61 2.45
C TYR A 132 -27.05 6.34 3.67
N PHE A 133 -27.83 7.33 4.08
CA PHE A 133 -28.70 7.11 5.22
C PHE A 133 -29.78 8.15 5.30
N LEU A 134 -30.84 7.82 6.04
CA LEU A 134 -31.85 8.77 6.47
C LEU A 134 -31.54 9.21 7.90
N ARG A 135 -31.63 10.51 8.16
CA ARG A 135 -31.43 11.02 9.50
C ARG A 135 -32.63 11.83 9.95
N ALA A 136 -33.31 11.33 10.98
CA ALA A 136 -34.42 12.09 11.58
C ALA A 136 -33.86 12.87 12.73
N THR A 137 -34.17 14.16 12.77
CA THR A 137 -33.71 15.00 13.87
C THR A 137 -34.85 15.74 14.56
N ILE A 138 -34.96 15.55 15.86
CA ILE A 138 -35.78 16.42 16.68
C ILE A 138 -34.88 17.48 17.31
N SER A 139 -34.96 18.71 16.81
CA SER A 139 -34.22 19.79 17.38
C SER A 139 -34.75 20.12 18.77
N ARG A 140 -33.82 20.37 19.69
CA ARG A 140 -34.13 20.81 21.05
C ARG A 140 -33.03 21.76 21.47
N ARG A 141 -33.30 22.55 22.50
CA ARG A 141 -32.33 23.54 22.98
C ARG A 141 -31.12 22.88 23.61
N LEU A 142 -31.36 21.88 24.43
CA LEU A 142 -30.27 21.12 25.02
C LEU A 142 -29.54 20.26 24.00
N ASN A 143 -29.97 19.01 23.87
CA ASN A 143 -29.41 18.10 22.87
C ASN A 143 -30.46 17.57 21.91
N ASP A 144 -30.17 17.71 20.62
CA ASP A 144 -31.00 17.13 19.57
C ASP A 144 -31.14 15.62 19.73
N VAL A 145 -32.36 15.11 19.58
CA VAL A 145 -32.57 13.67 19.47
C VAL A 145 -32.37 13.28 18.02
N VAL A 146 -31.39 12.44 17.76
CA VAL A 146 -31.02 12.12 16.39
C VAL A 146 -31.01 10.62 16.12
N LYS A 147 -31.65 10.23 15.01
CA LYS A 147 -31.78 8.82 14.65
C LYS A 147 -31.37 8.61 13.17
N GLU A 148 -30.41 7.71 12.95
CA GLU A 148 -29.96 7.40 11.61
C GLU A 148 -30.23 5.95 11.22
N MET A 149 -30.79 5.76 10.03
CA MET A 149 -30.93 4.44 9.46
C MET A 149 -30.12 4.38 8.17
N ASP A 150 -29.14 3.47 8.11
CA ASP A 150 -28.35 3.31 6.91
C ASP A 150 -29.14 2.52 5.88
N ILE A 151 -28.95 2.84 4.61
CA ILE A 151 -29.46 2.01 3.55
C ILE A 151 -28.29 1.72 2.62
N VAL A 152 -28.42 0.70 1.81
CA VAL A 152 -27.36 0.34 0.89
C VAL A 152 -27.72 0.58 -0.56
N VAL A 153 -26.80 1.18 -1.31
CA VAL A 153 -27.03 1.41 -2.71
C VAL A 153 -26.08 0.55 -3.52
N HIS A 154 -26.56 -0.04 -4.61
CA HIS A 154 -25.74 -0.84 -5.53
C HIS A 154 -25.83 -0.20 -6.91
N THR A 155 -24.78 -0.32 -7.71
CA THR A 155 -24.86 0.18 -9.07
C THR A 155 -24.75 -0.98 -10.01
N LEU A 156 -25.77 -1.17 -10.83
CA LEU A 156 -25.77 -2.23 -11.83
C LEU A 156 -25.19 -1.73 -13.12
N SER A 157 -24.43 -2.59 -13.79
CA SER A 157 -23.90 -2.33 -15.12
C SER A 157 -24.37 -3.41 -16.09
N THR A 158 -23.96 -3.27 -17.35
CA THR A 158 -24.25 -4.27 -18.35
C THR A 158 -23.26 -4.15 -19.52
N TYR A 159 -22.61 -5.26 -19.87
CA TYR A 159 -21.56 -5.23 -20.89
C TYR A 159 -21.74 -6.34 -21.92
N PRO A 160 -20.98 -6.26 -23.03
CA PRO A 160 -20.90 -7.18 -24.17
C PRO A 160 -21.31 -8.62 -23.89
N SER A 164 -12.88 -11.82 -26.16
CA SER A 164 -11.55 -11.66 -26.75
C SER A 164 -10.46 -12.28 -25.87
N SER A 165 -9.22 -11.86 -26.05
CA SER A 165 -8.15 -12.39 -25.22
C SER A 165 -7.25 -11.27 -24.73
N ILE A 166 -6.79 -11.40 -23.49
CA ILE A 166 -5.84 -10.47 -22.92
C ILE A 166 -4.60 -11.24 -22.46
N LYS A 167 -3.42 -10.70 -22.73
CA LYS A 167 -2.16 -11.32 -22.31
C LYS A 167 -1.30 -10.39 -21.45
N MET A 168 -0.79 -10.90 -20.33
CA MET A 168 0.36 -10.26 -19.68
C MET A 168 1.50 -11.23 -19.62
N GLU A 169 2.71 -10.72 -19.61
CA GLU A 169 3.88 -11.56 -19.66
C GLU A 169 4.93 -11.06 -18.70
N VAL A 170 5.87 -11.93 -18.36
CA VAL A 170 6.89 -11.56 -17.41
C VAL A 170 8.22 -12.21 -17.76
N GLY A 171 9.29 -11.78 -17.09
CA GLY A 171 10.60 -12.37 -17.28
C GLY A 171 11.64 -11.49 -17.94
N ILE A 172 12.81 -12.06 -18.20
CA ILE A 172 13.92 -11.33 -18.80
C ILE A 172 13.79 -11.26 -20.32
N GLU A 173 14.86 -11.59 -21.04
CA GLU A 173 14.84 -11.45 -22.50
C GLU A 173 15.44 -12.67 -23.19
N ASP A 174 16.06 -13.53 -22.38
CA ASP A 174 16.67 -14.74 -22.90
C ASP A 174 17.04 -15.59 -21.71
N CYS A 175 16.05 -16.28 -21.14
CA CYS A 175 16.24 -17.11 -19.96
C CYS A 175 14.92 -17.28 -19.22
N LEU A 176 13.98 -16.39 -19.51
CA LEU A 176 12.70 -16.41 -18.85
C LEU A 176 11.63 -15.63 -19.63
N HIS A 177 10.61 -16.35 -20.10
CA HIS A 177 9.45 -15.73 -20.71
C HIS A 177 8.19 -16.51 -20.36
N ILE A 178 7.38 -15.90 -19.49
CA ILE A 178 6.12 -16.47 -19.05
C ILE A 178 5.00 -15.61 -19.56
N GLU A 179 3.95 -16.24 -20.06
CA GLU A 179 2.84 -15.51 -20.66
C GLU A 179 1.52 -15.97 -20.03
N PHE A 180 0.71 -15.03 -19.57
CA PHE A 180 -0.57 -15.38 -18.98
C PHE A 180 -1.69 -14.76 -19.81
N GLU A 181 -2.60 -15.61 -20.26
CA GLU A 181 -3.67 -15.18 -21.14
C GLU A 181 -5.02 -15.44 -20.46
N TYR A 182 -5.97 -14.53 -20.64
CA TYR A 182 -7.29 -14.68 -20.01
C TYR A 182 -8.41 -14.02 -20.81
N ASN A 183 -9.63 -14.51 -20.61
CA ASN A 183 -10.72 -14.23 -21.55
C ASN A 183 -11.24 -12.79 -21.62
N LYS A 184 -11.27 -12.11 -20.48
CA LYS A 184 -11.94 -10.83 -20.42
C LYS A 184 -11.07 -9.76 -19.76
N SER A 185 -11.31 -8.50 -20.10
CA SER A 185 -10.72 -7.38 -19.37
C SER A 185 -11.69 -6.89 -18.30
N LYS A 186 -12.95 -7.35 -18.37
CA LYS A 186 -13.98 -6.98 -17.42
C LYS A 186 -14.70 -8.22 -16.93
N TYR A 187 -15.03 -8.25 -15.65
CA TYR A 187 -15.72 -9.40 -15.07
C TYR A 187 -16.75 -8.94 -14.07
N HIS A 188 -17.89 -9.62 -13.97
CA HIS A 188 -18.86 -9.26 -12.93
C HIS A 188 -18.57 -10.11 -11.70
N LEU A 189 -19.19 -9.78 -10.59
CA LEU A 189 -18.71 -10.23 -9.28
C LEU A 189 -18.89 -11.73 -9.09
N LYS A 190 -19.55 -12.35 -10.04
CA LYS A 190 -19.82 -13.78 -9.92
C LYS A 190 -19.23 -14.55 -11.10
N ASP A 191 -18.37 -13.88 -11.85
CA ASP A 191 -17.80 -14.46 -13.06
C ASP A 191 -16.64 -15.43 -12.80
N VAL A 192 -16.11 -15.99 -13.88
CA VAL A 192 -14.95 -16.86 -13.79
C VAL A 192 -13.81 -16.31 -14.64
N ILE A 193 -12.64 -16.20 -14.05
CA ILE A 193 -11.50 -15.80 -14.82
C ILE A 193 -10.89 -17.08 -15.41
N VAL A 194 -10.87 -17.14 -16.74
CA VAL A 194 -10.45 -18.32 -17.47
C VAL A 194 -9.22 -17.99 -18.31
N GLY A 195 -8.11 -18.61 -17.97
CA GLY A 195 -6.88 -18.29 -18.66
C GLY A 195 -5.92 -19.43 -18.63
N LYS A 196 -4.67 -19.14 -18.98
CA LYS A 196 -3.66 -20.15 -19.16
C LYS A 196 -2.29 -19.54 -18.91
N ILE A 197 -1.44 -20.29 -18.23
CA ILE A 197 -0.04 -19.90 -18.08
C ILE A 197 0.79 -20.65 -19.12
N TYR A 198 1.54 -19.90 -19.93
CA TYR A 198 2.41 -20.47 -20.95
C TYR A 198 3.87 -20.33 -20.57
N PHE A 199 4.51 -21.43 -20.19
CA PHE A 199 5.96 -21.43 -20.01
C PHE A 199 6.70 -21.47 -21.35
N LEU A 200 7.02 -20.30 -21.89
CA LEU A 200 7.60 -20.23 -23.22
C LEU A 200 9.13 -20.22 -23.23
N SER A 201 9.76 -19.88 -22.12
CA SER A 201 11.22 -19.89 -22.05
C SER A 201 11.62 -19.98 -20.59
N VAL A 202 12.41 -20.98 -20.23
CA VAL A 202 12.74 -21.20 -18.84
C VAL A 202 14.17 -21.70 -18.72
N GLU A 203 15.12 -20.80 -18.97
CA GLU A 203 16.54 -21.10 -18.83
C GLU A 203 16.97 -20.95 -17.37
N ILE A 204 16.08 -20.40 -16.55
CA ILE A 204 16.36 -20.21 -15.12
C ILE A 204 15.32 -20.96 -14.30
N LYS A 205 15.76 -21.65 -13.27
CA LYS A 205 14.85 -22.44 -12.45
C LYS A 205 13.86 -21.55 -11.70
N ILE A 206 12.59 -21.90 -11.78
CA ILE A 206 11.55 -21.15 -11.09
C ILE A 206 11.26 -21.75 -9.72
N LYS A 207 11.59 -21.01 -8.69
CA LYS A 207 11.39 -21.43 -7.30
C LYS A 207 9.94 -21.35 -6.85
N HIS A 208 9.21 -20.37 -7.37
CA HIS A 208 7.83 -20.16 -6.94
C HIS A 208 7.09 -19.24 -7.89
N MET A 209 5.78 -19.46 -8.02
CA MET A 209 4.98 -18.65 -8.92
C MET A 209 3.51 -18.63 -8.55
N GLU A 210 2.88 -17.45 -8.60
CA GLU A 210 1.44 -17.33 -8.32
C GLU A 210 0.71 -16.29 -9.14
N ILE A 211 -0.60 -16.45 -9.26
CA ILE A 211 -1.49 -15.40 -9.75
C ILE A 211 -2.28 -14.84 -8.58
N ASP A 212 -2.30 -13.52 -8.44
CA ASP A 212 -3.07 -12.88 -7.37
C ASP A 212 -4.13 -11.96 -7.94
N ILE A 213 -5.25 -11.88 -7.24
CA ILE A 213 -6.20 -10.81 -7.46
C ILE A 213 -5.98 -9.84 -6.31
N ILE A 214 -5.73 -8.58 -6.65
CA ILE A 214 -5.43 -7.61 -5.62
C ILE A 214 -6.36 -6.44 -5.73
N LYS A 215 -6.88 -6.04 -4.56
CA LYS A 215 -7.69 -4.83 -4.46
C LYS A 215 -6.81 -3.64 -4.06
N ARG A 216 -6.80 -2.58 -4.86
CA ARG A 216 -6.11 -1.34 -4.45
C ARG A 216 -7.12 -0.25 -4.12
N GLU A 217 -7.12 0.18 -2.86
CA GLU A 217 -7.90 1.35 -2.47
C GLU A 217 -6.98 2.55 -2.45
N THR A 218 -7.39 3.60 -3.16
CA THR A 218 -6.62 4.83 -3.29
C THR A 218 -7.44 6.03 -2.81
N THR A 219 -7.06 6.59 -1.67
CA THR A 219 -7.85 7.65 -1.07
C THR A 219 -7.05 8.94 -1.04
N GLY A 220 -7.62 10.01 -1.55
CA GLY A 220 -6.84 11.22 -1.72
C GLY A 220 -7.37 12.43 -1.01
N THR A 221 -7.00 12.47 0.28
CA THR A 221 -7.44 13.44 1.31
C THR A 221 -6.51 14.64 1.35
N GLY A 222 -6.91 15.75 0.72
CA GLY A 222 -6.08 16.95 0.69
C GLY A 222 -4.83 16.78 -0.17
N PRO A 223 -3.69 17.30 0.30
CA PRO A 223 -2.42 17.31 -0.44
C PRO A 223 -1.84 15.89 -0.49
N ASN A 224 -2.38 15.02 0.34
CA ASN A 224 -1.86 13.66 0.48
C ASN A 224 -2.81 12.59 -0.03
N VAL A 225 -2.22 11.54 -0.59
CA VAL A 225 -2.98 10.38 -1.00
C VAL A 225 -2.55 9.17 -0.17
N TYR A 226 -3.47 8.24 0.03
CA TYR A 226 -3.18 7.05 0.82
C TYR A 226 -3.48 5.83 -0.02
N HIS A 227 -2.77 4.74 0.26
CA HIS A 227 -2.80 3.57 -0.61
C HIS A 227 -2.87 2.35 0.26
N GLU A 228 -3.79 1.45 -0.07
CA GLU A 228 -3.89 0.20 0.64
CA GLU A 228 -3.93 0.20 0.66
C GLU A 228 -4.10 -0.94 -0.35
N ASN A 229 -3.23 -1.95 -0.27
CA ASN A 229 -3.39 -3.09 -1.15
C ASN A 229 -3.91 -4.24 -0.33
N ASP A 230 -4.82 -5.00 -0.93
CA ASP A 230 -5.44 -6.11 -0.24
C ASP A 230 -5.43 -7.29 -1.19
N THR A 231 -4.77 -8.37 -0.80
CA THR A 231 -4.77 -9.55 -1.65
C THR A 231 -6.03 -10.34 -1.38
N ILE A 232 -6.91 -10.36 -2.37
CA ILE A 232 -8.21 -11.00 -2.23
C ILE A 232 -8.13 -12.50 -2.47
N ALA A 233 -7.36 -12.86 -3.49
CA ALA A 233 -7.25 -14.25 -3.94
C ALA A 233 -5.83 -14.53 -4.38
N LYS A 234 -5.32 -15.71 -4.02
CA LYS A 234 -3.96 -16.09 -4.34
C LYS A 234 -3.97 -17.52 -4.81
N TYR A 235 -3.68 -17.72 -6.09
CA TYR A 235 -3.71 -19.04 -6.70
C TYR A 235 -2.28 -19.45 -7.04
N GLU A 236 -1.83 -20.56 -6.45
CA GLU A 236 -0.42 -20.98 -6.60
C GLU A 236 -0.18 -21.96 -7.76
N ILE A 237 1.04 -21.90 -8.29
CA ILE A 237 1.46 -22.79 -9.37
C ILE A 237 2.61 -23.69 -8.92
N MET A 238 2.35 -25.00 -8.96
CA MET A 238 3.09 -26.02 -8.22
C MET A 238 4.45 -26.50 -8.79
N ASP A 239 5.24 -27.14 -7.92
CA ASP A 239 6.32 -28.08 -8.28
C ASP A 239 7.27 -27.78 -9.46
N GLY A 240 8.57 -27.93 -9.19
CA GLY A 240 9.64 -27.54 -10.12
C GLY A 240 9.84 -28.32 -11.41
N ALA A 241 8.88 -28.22 -12.31
CA ALA A 241 8.99 -28.83 -13.65
C ALA A 241 8.12 -28.03 -14.62
N PRO A 242 8.48 -26.74 -14.80
CA PRO A 242 7.70 -25.74 -15.53
C PRO A 242 7.16 -26.27 -16.85
N SER A 246 4.99 -26.47 -22.22
CA SER A 246 3.73 -26.81 -21.56
C SER A 246 2.93 -25.56 -21.13
N SER A 247 1.68 -25.81 -20.75
CA SER A 247 0.79 -24.78 -20.26
C SER A 247 0.24 -25.23 -18.94
N ILE A 248 -0.79 -24.53 -18.47
CA ILE A 248 -1.47 -24.84 -17.23
C ILE A 248 -2.71 -23.98 -17.26
N PRO A 249 -3.89 -24.61 -17.17
CA PRO A 249 -5.09 -23.78 -17.30
C PRO A 249 -5.38 -23.12 -15.98
N ILE A 250 -5.97 -21.92 -16.02
CA ILE A 250 -6.30 -21.21 -14.79
C ILE A 250 -7.78 -20.92 -14.72
N ARG A 251 -8.33 -21.12 -13.53
CA ARG A 251 -9.73 -20.75 -13.24
C ARG A 251 -9.86 -20.05 -11.89
N LEU A 252 -10.19 -18.77 -11.90
CA LEU A 252 -10.45 -18.07 -10.65
C LEU A 252 -11.93 -17.86 -10.56
N PHE A 253 -12.52 -18.39 -9.49
CA PHE A 253 -13.97 -18.23 -9.27
C PHE A 253 -14.30 -17.05 -8.37
N LEU A 254 -14.69 -15.95 -9.01
CA LEU A 254 -14.92 -14.70 -8.30
C LEU A 254 -15.96 -14.82 -7.18
N ALA A 255 -17.05 -15.54 -7.45
CA ALA A 255 -18.11 -15.74 -6.46
C ALA A 255 -17.58 -16.15 -5.08
N GLY A 256 -16.43 -16.81 -5.03
CA GLY A 256 -15.88 -17.22 -3.75
C GLY A 256 -15.53 -16.05 -2.83
N TYR A 257 -15.17 -14.91 -3.41
CA TYR A 257 -14.42 -13.88 -2.69
C TYR A 257 -15.26 -12.63 -2.39
N GLU A 258 -14.98 -11.94 -1.29
CA GLU A 258 -15.67 -10.69 -1.01
C GLU A 258 -15.21 -9.65 -2.03
N LEU A 259 -16.09 -9.26 -2.95
CA LEU A 259 -15.69 -8.26 -3.93
C LEU A 259 -16.69 -7.14 -4.07
N THR A 260 -16.20 -5.99 -4.50
CA THR A 260 -17.07 -4.88 -4.84
C THR A 260 -16.77 -4.59 -6.29
N PRO A 261 -17.67 -3.86 -6.95
CA PRO A 261 -17.39 -3.39 -8.32
C PRO A 261 -16.18 -2.47 -8.32
N THR A 262 -15.61 -2.24 -9.47
CA THR A 262 -14.60 -1.21 -9.56
C THR A 262 -15.23 0.15 -9.25
N MET A 263 -14.51 0.98 -8.51
CA MET A 263 -14.97 2.32 -8.19
C MET A 263 -13.86 3.30 -8.59
N ARG A 264 -14.12 4.12 -9.59
CA ARG A 264 -13.03 4.91 -10.17
C ARG A 264 -13.20 6.41 -9.98
N ASP A 265 -12.29 7.03 -9.23
CA ASP A 265 -12.33 8.47 -9.00
C ASP A 265 -13.68 8.92 -8.47
N ILE A 266 -14.17 8.28 -7.42
CA ILE A 266 -15.50 8.59 -6.89
C ILE A 266 -15.52 9.98 -6.31
N ASN A 267 -16.14 10.91 -7.01
CA ASN A 267 -16.20 12.32 -6.59
C ASN A 267 -14.81 12.86 -6.24
N LYS A 268 -13.79 12.31 -6.91
CA LYS A 268 -12.37 12.64 -6.71
C LYS A 268 -11.88 12.47 -5.28
N LYS A 269 -12.50 11.59 -4.53
CA LYS A 269 -12.06 11.35 -3.18
C LYS A 269 -11.37 9.99 -3.08
N PHE A 270 -11.82 9.02 -3.84
CA PHE A 270 -11.20 7.72 -3.72
C PHE A 270 -11.46 6.86 -4.91
N SER A 271 -10.81 5.69 -4.90
CA SER A 271 -10.83 4.73 -5.99
C SER A 271 -10.68 3.34 -5.41
N VAL A 272 -11.46 2.39 -5.93
CA VAL A 272 -11.24 0.98 -5.60
C VAL A 272 -11.05 0.27 -6.93
N ARG A 273 -9.85 -0.28 -7.16
CA ARG A 273 -9.57 -0.95 -8.42
C ARG A 273 -8.93 -2.32 -8.20
N TYR A 274 -9.13 -3.22 -9.16
CA TYR A 274 -8.68 -4.59 -9.03
C TYR A 274 -7.67 -4.99 -10.08
N TYR A 275 -6.63 -5.70 -9.64
CA TYR A 275 -5.54 -6.08 -10.56
C TYR A 275 -5.29 -7.57 -10.52
N LEU A 276 -4.99 -8.15 -11.68
CA LEU A 276 -4.38 -9.47 -11.75
C LEU A 276 -2.87 -9.29 -11.61
N ASN A 277 -2.30 -9.97 -10.64
CA ASN A 277 -0.91 -9.77 -10.28
C ASN A 277 -0.15 -11.05 -10.54
N LEU A 278 0.66 -11.07 -11.60
CA LEU A 278 1.44 -12.24 -11.90
C LEU A 278 2.76 -12.17 -11.14
N VAL A 279 3.08 -13.23 -10.40
CA VAL A 279 4.25 -13.22 -9.53
C VAL A 279 5.13 -14.43 -9.69
N LEU A 280 6.43 -14.19 -9.79
CA LEU A 280 7.36 -15.24 -10.14
C LEU A 280 8.67 -15.03 -9.42
N ILE A 281 9.11 -16.05 -8.68
CA ILE A 281 10.38 -16.03 -7.96
C ILE A 281 11.38 -17.05 -8.51
N ASP A 282 12.55 -16.60 -8.96
CA ASP A 282 13.52 -17.53 -9.53
C ASP A 282 14.45 -18.12 -8.47
N GLU A 283 15.40 -18.95 -8.92
CA GLU A 283 16.24 -19.70 -7.99
C GLU A 283 17.27 -18.81 -7.29
N GLU A 284 17.73 -17.77 -7.99
CA GLU A 284 18.55 -16.72 -7.37
C GLU A 284 17.70 -15.88 -6.41
N GLU A 285 16.41 -16.19 -6.29
CA GLU A 285 15.50 -15.47 -5.40
C GLU A 285 14.99 -14.13 -5.99
N ARG A 286 15.19 -13.93 -7.29
CA ARG A 286 14.72 -12.70 -7.88
C ARG A 286 13.21 -12.71 -8.11
N ARG A 287 12.58 -11.60 -7.74
CA ARG A 287 11.14 -11.43 -7.86
C ARG A 287 10.78 -10.76 -9.16
N TYR A 288 9.83 -11.35 -9.87
CA TYR A 288 9.35 -10.78 -11.11
C TYR A 288 7.86 -10.55 -10.99
N PHE A 289 7.42 -9.31 -11.22
CA PHE A 289 6.02 -8.92 -11.04
C PHE A 289 5.50 -8.36 -12.33
N LYS A 290 4.22 -8.58 -12.58
CA LYS A 290 3.52 -7.82 -13.58
C LYS A 290 2.08 -7.84 -13.17
N GLN A 291 1.39 -6.72 -13.42
CA GLN A 291 -0.04 -6.61 -13.07
C GLN A 291 -0.83 -5.94 -14.17
N GLN A 292 -2.11 -6.29 -14.25
CA GLN A 292 -3.03 -5.66 -15.20
C GLN A 292 -4.38 -5.44 -14.53
N GLU A 293 -5.05 -4.36 -14.90
CA GLU A 293 -6.28 -4.02 -14.21
C GLU A 293 -7.46 -4.74 -14.86
N VAL A 294 -8.31 -5.33 -14.01
CA VAL A 294 -9.56 -5.89 -14.48
C VAL A 294 -10.66 -5.06 -13.86
N VAL A 295 -11.57 -4.60 -14.70
CA VAL A 295 -12.72 -3.85 -14.22
C VAL A 295 -13.76 -4.85 -13.74
N LEU A 296 -14.12 -4.76 -12.46
CA LEU A 296 -15.23 -5.55 -11.96
C LEU A 296 -16.51 -4.72 -12.05
N TRP A 297 -17.62 -5.38 -12.37
CA TRP A 297 -18.91 -4.73 -12.34
C TRP A 297 -19.97 -5.61 -11.68
N ARG A 298 -21.12 -5.01 -11.39
CA ARG A 298 -22.18 -5.74 -10.73
C ARG A 298 -23.30 -6.05 -11.73
N LYS A 299 -23.55 -7.33 -11.93
CA LYS A 299 -24.62 -7.78 -12.82
C LYS A 299 -25.93 -7.82 -12.04
N GLY A 300 -27.00 -7.38 -12.68
CA GLY A 300 -28.30 -7.33 -12.03
C GLY A 300 -29.01 -8.67 -12.00
N ASP A 301 -29.17 -9.22 -10.79
CA ASP A 301 -29.95 -10.44 -10.61
C ASP A 301 -31.34 -10.36 -11.25
N SER B 13 36.28 -24.44 -15.80
CA SER B 13 37.39 -23.93 -16.61
C SER B 13 38.17 -22.81 -15.90
N VAL B 14 37.49 -21.71 -15.59
CA VAL B 14 38.11 -20.61 -14.85
C VAL B 14 37.37 -20.27 -13.57
N GLU B 15 38.13 -19.85 -12.57
CA GLU B 15 37.52 -19.36 -11.34
C GLU B 15 37.97 -17.92 -11.08
N VAL B 16 37.03 -17.00 -11.10
CA VAL B 16 37.33 -15.59 -10.95
C VAL B 16 37.01 -15.09 -9.54
N GLU B 17 38.03 -14.53 -8.90
CA GLU B 17 37.85 -13.85 -7.62
C GLU B 17 38.02 -12.35 -7.84
N ILE B 18 37.20 -11.55 -7.14
CA ILE B 18 37.44 -10.12 -7.05
C ILE B 18 37.94 -9.86 -5.65
N LEU B 19 39.07 -9.19 -5.52
CA LEU B 19 39.66 -8.96 -4.20
C LEU B 19 39.96 -7.49 -4.01
N LEU B 20 39.45 -6.91 -2.93
CA LEU B 20 39.70 -5.50 -2.68
C LEU B 20 41.03 -5.30 -1.97
N ASN B 21 41.69 -4.19 -2.27
CA ASN B 21 42.84 -3.76 -1.49
C ASN B 21 42.41 -3.47 -0.05
N ASP B 22 43.29 -3.72 0.90
CA ASP B 22 42.95 -3.43 2.29
C ASP B 22 41.64 -4.09 2.67
N ALA B 23 41.38 -5.27 2.08
CA ALA B 23 40.17 -6.03 2.36
C ALA B 23 39.93 -6.20 3.85
N GLU B 24 40.95 -6.70 4.55
CA GLU B 24 40.81 -6.94 5.98
C GLU B 24 40.93 -5.65 6.82
N SER B 25 41.13 -4.51 6.17
CA SER B 25 41.21 -3.27 6.91
C SER B 25 39.90 -2.49 6.82
N ARG B 26 39.12 -2.75 5.78
CA ARG B 26 37.92 -1.95 5.58
C ARG B 26 36.69 -2.61 6.14
N LYS B 27 35.70 -1.76 6.37
CA LYS B 27 34.53 -2.06 7.17
C LYS B 27 33.52 -2.82 6.33
N ARG B 28 32.72 -3.63 7.00
CA ARG B 28 31.70 -4.39 6.33
C ARG B 28 30.41 -4.00 7.02
N ALA B 29 29.28 -4.11 6.33
CA ALA B 29 28.03 -3.70 6.93
C ALA B 29 27.05 -4.79 6.66
N GLU B 30 26.10 -5.00 7.56
CA GLU B 30 25.08 -5.99 7.31
C GLU B 30 24.03 -5.43 6.36
N HIS B 31 23.59 -6.27 5.43
CA HIS B 31 22.56 -5.85 4.50
C HIS B 31 21.70 -7.02 4.14
N LYS B 32 20.39 -6.84 4.19
CA LYS B 32 19.46 -7.92 3.94
C LYS B 32 19.20 -8.03 2.45
N THR B 33 19.18 -9.26 1.95
CA THR B 33 19.02 -9.49 0.53
C THR B 33 17.59 -9.84 0.16
N GLU B 34 17.35 -9.97 -1.13
CA GLU B 34 16.00 -10.21 -1.66
C GLU B 34 15.30 -11.38 -0.97
N ASP B 35 16.09 -12.40 -0.61
CA ASP B 35 15.58 -13.54 0.14
C ASP B 35 15.07 -13.08 1.49
N GLY B 36 16.00 -12.78 2.39
CA GLY B 36 15.68 -12.35 3.74
C GLY B 36 16.89 -12.50 4.63
N LYS B 37 17.89 -13.22 4.12
CA LYS B 37 19.17 -13.39 4.81
C LYS B 37 19.91 -12.09 4.93
N LYS B 38 20.61 -11.91 6.04
CA LYS B 38 21.46 -10.75 6.18
C LYS B 38 22.89 -11.20 5.95
N GLU B 39 23.52 -10.67 4.92
CA GLU B 39 24.93 -10.93 4.70
C GLU B 39 25.70 -9.67 5.02
N LYS B 40 26.99 -9.83 5.27
CA LYS B 40 27.86 -8.69 5.47
C LYS B 40 28.61 -8.38 4.17
N TYR B 41 28.77 -7.11 3.85
CA TYR B 41 29.46 -6.72 2.63
C TYR B 41 30.41 -5.60 2.92
N PHE B 42 31.28 -5.31 1.98
CA PHE B 42 32.17 -4.19 2.14
C PHE B 42 31.39 -2.90 2.06
N LEU B 43 31.49 -2.09 3.10
CA LEU B 43 30.83 -0.80 3.15
C LEU B 43 31.69 0.27 2.48
N PHE B 44 31.07 1.12 1.68
CA PHE B 44 31.76 2.17 0.96
C PHE B 44 30.93 3.41 1.07
N TYR B 45 31.57 4.58 1.01
CA TYR B 45 30.85 5.85 1.02
C TYR B 45 31.06 6.55 -0.29
N ASP B 46 30.28 7.60 -0.52
CA ASP B 46 30.36 8.40 -1.74
C ASP B 46 31.80 8.88 -1.99
N GLY B 47 32.26 8.81 -3.23
CA GLY B 47 33.56 9.30 -3.62
C GLY B 47 34.71 8.29 -3.52
N GLU B 48 34.73 7.50 -2.44
CA GLU B 48 35.83 6.59 -2.14
C GLU B 48 36.34 5.78 -3.33
N THR B 49 37.65 5.56 -3.33
CA THR B 49 38.28 4.73 -4.33
C THR B 49 37.83 3.30 -4.16
N VAL B 50 37.46 2.66 -5.27
CA VAL B 50 37.30 1.22 -5.28
C VAL B 50 38.42 0.62 -6.11
N SER B 51 39.19 -0.28 -5.52
CA SER B 51 40.38 -0.79 -6.19
C SER B 51 40.78 -2.13 -5.65
N GLY B 52 41.41 -2.93 -6.50
CA GLY B 52 41.90 -4.22 -6.09
C GLY B 52 42.44 -4.99 -7.28
N LYS B 53 42.15 -6.28 -7.30
CA LYS B 53 42.57 -7.13 -8.38
C LYS B 53 41.49 -8.15 -8.73
N VAL B 54 41.34 -8.42 -10.02
CA VAL B 54 40.57 -9.56 -10.50
C VAL B 54 41.55 -10.74 -10.59
N SER B 55 41.25 -11.81 -9.89
CA SER B 55 42.15 -12.95 -9.81
C SER B 55 41.62 -14.11 -10.63
N LEU B 56 42.42 -14.60 -11.57
CA LEU B 56 42.03 -15.75 -12.36
C LEU B 56 42.70 -17.03 -11.88
N SER B 57 41.95 -18.12 -11.81
CA SER B 57 42.51 -19.40 -11.45
C SER B 57 42.16 -20.45 -12.48
N LEU B 58 43.20 -21.04 -13.05
CA LEU B 58 43.06 -22.06 -14.05
C LEU B 58 42.75 -23.40 -13.38
N LYS B 59 41.51 -23.85 -13.54
CA LYS B 59 41.09 -25.11 -12.99
C LYS B 59 42.04 -26.20 -13.50
N ASN B 60 42.25 -26.20 -14.82
CA ASN B 60 43.16 -27.15 -15.45
C ASN B 60 44.47 -26.49 -15.87
N PRO B 61 45.50 -26.61 -15.00
CA PRO B 61 46.81 -25.97 -15.14
C PRO B 61 47.35 -25.72 -16.57
N ASN B 62 47.71 -26.67 -17.41
CA ASN B 62 48.25 -26.16 -18.68
C ASN B 62 47.24 -25.82 -19.79
N LYS B 63 45.97 -26.12 -19.56
CA LYS B 63 44.92 -25.76 -20.52
C LYS B 63 44.84 -24.26 -20.78
N ARG B 64 44.93 -23.91 -22.06
CA ARG B 64 44.70 -22.57 -22.54
C ARG B 64 43.27 -22.15 -22.23
N LEU B 65 43.06 -20.88 -21.91
CA LEU B 65 41.73 -20.31 -21.89
C LEU B 65 41.74 -19.07 -22.79
N GLU B 66 41.10 -19.17 -23.95
CA GLU B 66 41.10 -18.07 -24.91
C GLU B 66 39.92 -17.16 -24.62
N HIS B 67 39.97 -15.92 -25.11
CA HIS B 67 38.96 -14.93 -24.77
C HIS B 67 39.06 -13.67 -25.61
N GLN B 68 38.06 -12.79 -25.48
CA GLN B 68 38.03 -11.57 -26.26
C GLN B 68 38.23 -10.32 -25.41
N GLY B 69 38.86 -10.51 -24.26
CA GLY B 69 39.10 -9.41 -23.36
C GLY B 69 38.59 -9.68 -21.96
N ILE B 70 39.27 -9.10 -20.99
CA ILE B 70 38.88 -9.19 -19.61
C ILE B 70 38.71 -7.77 -19.12
N LYS B 71 37.63 -7.52 -18.38
CA LYS B 71 37.34 -6.17 -17.90
C LYS B 71 36.69 -6.19 -16.53
N ILE B 72 36.82 -5.08 -15.83
CA ILE B 72 36.18 -4.91 -14.54
C ILE B 72 35.23 -3.70 -14.64
N GLU B 73 34.02 -3.84 -14.09
CA GLU B 73 33.04 -2.73 -14.09
C GLU B 73 32.60 -2.34 -12.67
N PHE B 74 32.39 -1.05 -12.44
CA PHE B 74 31.75 -0.63 -11.22
C PHE B 74 30.39 -0.10 -11.56
N ILE B 75 29.37 -0.74 -11.03
CA ILE B 75 28.04 -0.37 -11.42
C ILE B 75 27.15 -0.08 -10.24
N GLY B 76 26.48 1.07 -10.29
CA GLY B 76 25.40 1.38 -9.37
C GLY B 76 24.12 1.47 -10.16
N GLN B 77 23.14 0.64 -9.82
CA GLN B 77 21.91 0.61 -10.60
C GLN B 77 20.63 0.44 -9.78
N ILE B 78 19.51 0.84 -10.38
CA ILE B 78 18.19 0.67 -9.79
C ILE B 78 17.40 -0.37 -10.57
N GLU B 79 16.89 -1.37 -9.85
CA GLU B 79 16.17 -2.45 -10.48
C GLU B 79 14.73 -2.41 -10.04
N LEU B 80 13.83 -2.14 -10.98
CA LEU B 80 12.38 -2.14 -10.70
C LEU B 80 11.76 -3.51 -10.92
N TYR B 81 11.11 -4.07 -9.90
CA TYR B 81 10.64 -5.46 -10.01
C TYR B 81 9.47 -5.66 -10.97
N TYR B 82 8.77 -4.59 -11.31
CA TYR B 82 7.71 -4.68 -12.30
C TYR B 82 8.26 -4.57 -13.71
N ASP B 83 9.58 -4.62 -13.84
CA ASP B 83 10.26 -4.44 -15.12
C ASP B 83 11.64 -5.02 -14.93
N ARG B 84 11.67 -6.17 -14.28
CA ARG B 84 12.89 -6.78 -13.76
C ARG B 84 14.06 -6.88 -14.74
N GLY B 85 13.80 -7.09 -16.02
CA GLY B 85 14.90 -7.14 -16.98
C GLY B 85 15.64 -5.82 -17.20
N ASN B 86 14.92 -4.71 -17.15
CA ASN B 86 15.41 -3.40 -17.56
C ASN B 86 16.12 -2.56 -16.49
N HIS B 87 17.41 -2.82 -16.23
CA HIS B 87 18.15 -2.10 -15.20
C HIS B 87 18.37 -0.61 -15.53
N HIS B 88 18.34 0.23 -14.50
CA HIS B 88 18.64 1.65 -14.68
C HIS B 88 19.94 2.02 -13.96
N GLU B 89 21.03 2.04 -14.71
CA GLU B 89 22.32 2.26 -14.12
C GLU B 89 22.54 3.75 -13.96
N PHE B 90 22.88 4.20 -12.76
CA PHE B 90 23.14 5.62 -12.55
C PHE B 90 24.65 5.94 -12.48
N VAL B 91 25.47 4.91 -12.25
CA VAL B 91 26.90 5.04 -12.38
C VAL B 91 27.49 3.76 -12.97
N SER B 92 28.28 3.93 -14.05
CA SER B 92 28.99 2.83 -14.68
C SER B 92 30.41 3.23 -15.04
N LEU B 93 31.36 2.55 -14.44
CA LEU B 93 32.75 2.75 -14.73
C LEU B 93 33.27 1.49 -15.39
N VAL B 94 34.08 1.65 -16.45
CA VAL B 94 34.60 0.48 -17.16
C VAL B 94 36.08 0.59 -17.42
N LYS B 95 36.83 -0.33 -16.84
CA LYS B 95 38.27 -0.42 -17.06
C LYS B 95 38.57 -1.77 -17.72
N ASP B 96 39.08 -1.72 -18.94
CA ASP B 96 39.49 -2.93 -19.62
C ASP B 96 40.85 -3.39 -19.07
N LEU B 97 40.98 -4.67 -18.80
CA LEU B 97 42.16 -5.20 -18.16
C LEU B 97 43.07 -5.99 -19.12
N ALA B 98 42.49 -6.56 -20.16
CA ALA B 98 43.25 -7.41 -21.08
C ALA B 98 42.59 -7.33 -22.45
N ARG B 99 43.40 -7.43 -23.50
CA ARG B 99 42.89 -7.45 -24.85
C ARG B 99 42.57 -8.86 -25.23
N PRO B 100 41.78 -9.04 -26.29
CA PRO B 100 41.56 -10.42 -26.70
C PRO B 100 42.91 -11.10 -26.85
N GLY B 101 43.04 -12.27 -26.22
CA GLY B 101 44.24 -13.07 -26.28
C GLY B 101 43.92 -14.40 -25.61
N GLU B 102 44.81 -14.89 -24.77
CA GLU B 102 44.51 -16.13 -24.06
C GLU B 102 45.28 -16.26 -22.76
N ILE B 103 44.60 -16.86 -21.78
CA ILE B 103 45.19 -17.06 -20.47
C ILE B 103 45.83 -18.44 -20.42
N THR B 104 47.11 -18.48 -20.08
CA THR B 104 47.85 -19.75 -20.04
C THR B 104 48.36 -20.11 -18.64
N GLN B 105 47.89 -19.38 -17.64
CA GLN B 105 48.43 -19.51 -16.29
C GLN B 105 47.74 -18.56 -15.31
N SER B 106 47.25 -19.12 -14.22
CA SER B 106 46.65 -18.32 -13.15
C SER B 106 47.45 -17.03 -12.90
N GLN B 107 46.73 -15.91 -12.89
CA GLN B 107 47.33 -14.60 -12.68
C GLN B 107 46.27 -13.60 -12.23
N ALA B 108 46.67 -12.36 -12.02
CA ALA B 108 45.73 -11.36 -11.55
C ALA B 108 45.93 -10.00 -12.19
N PHE B 109 44.89 -9.19 -12.13
CA PHE B 109 44.94 -7.89 -12.77
C PHE B 109 44.56 -6.81 -11.78
N ASP B 110 45.43 -5.81 -11.63
CA ASP B 110 45.14 -4.68 -10.78
C ASP B 110 44.11 -3.77 -11.43
N PHE B 111 43.23 -3.20 -10.62
CA PHE B 111 42.34 -2.13 -11.09
C PHE B 111 42.12 -1.12 -10.00
N GLU B 112 41.82 0.10 -10.40
CA GLU B 112 41.48 1.16 -9.45
C GLU B 112 40.56 2.15 -10.08
N PHE B 113 39.43 2.35 -9.43
CA PHE B 113 38.55 3.47 -9.72
C PHE B 113 38.70 4.52 -8.63
N THR B 114 39.41 5.59 -8.92
CA THR B 114 39.44 6.71 -7.99
C THR B 114 38.23 7.59 -8.29
N HIS B 115 37.69 8.27 -7.30
CA HIS B 115 36.51 9.10 -7.56
C HIS B 115 35.37 8.25 -8.12
N VAL B 116 34.68 7.54 -7.23
CA VAL B 116 33.49 6.79 -7.61
C VAL B 116 32.22 7.39 -7.01
N GLU B 117 31.38 7.95 -7.85
CA GLU B 117 30.11 8.48 -7.34
C GLU B 117 29.24 7.37 -6.76
N LYS B 118 28.68 7.63 -5.60
CA LYS B 118 27.69 6.75 -5.00
C LYS B 118 26.75 7.69 -4.27
N PRO B 119 25.76 8.22 -4.99
CA PRO B 119 24.91 9.31 -4.49
C PRO B 119 23.82 8.82 -3.54
N TYR B 120 23.52 7.54 -3.61
CA TYR B 120 22.37 6.99 -2.94
C TYR B 120 22.73 5.72 -2.21
N GLU B 121 22.03 5.50 -1.09
CA GLU B 121 22.22 4.37 -0.18
C GLU B 121 21.64 3.11 -0.79
N SER B 122 22.32 1.98 -0.58
CA SER B 122 21.83 0.69 -1.05
C SER B 122 20.45 0.44 -0.46
N TYR B 123 19.57 -0.13 -1.23
CA TYR B 123 18.26 -0.41 -0.72
C TYR B 123 17.70 -1.68 -1.30
N THR B 124 17.13 -2.53 -0.45
CA THR B 124 16.54 -3.77 -0.93
C THR B 124 15.09 -3.82 -0.52
N GLY B 125 14.22 -3.32 -1.39
CA GLY B 125 12.83 -3.16 -1.05
C GLY B 125 11.88 -4.24 -1.51
N GLN B 126 10.62 -3.83 -1.66
CA GLN B 126 9.51 -4.74 -1.94
C GLN B 126 9.25 -4.83 -3.43
N ASN B 127 9.34 -3.69 -4.10
CA ASN B 127 9.09 -3.60 -5.53
C ASN B 127 10.25 -2.98 -6.27
N VAL B 128 11.36 -2.82 -5.56
CA VAL B 128 12.52 -2.15 -6.12
C VAL B 128 13.73 -2.47 -5.30
N LYS B 129 14.88 -2.23 -5.90
CA LYS B 129 16.14 -2.56 -5.30
C LYS B 129 17.12 -1.60 -5.91
N LEU B 130 18.09 -1.18 -5.10
CA LEU B 130 19.18 -0.32 -5.55
C LEU B 130 20.49 -0.91 -5.06
N ARG B 131 21.32 -1.36 -5.99
CA ARG B 131 22.58 -1.95 -5.59
C ARG B 131 23.80 -1.50 -6.37
N TYR B 132 24.93 -1.63 -5.69
CA TYR B 132 26.22 -1.36 -6.27
C TYR B 132 27.00 -2.67 -6.30
N PHE B 133 27.84 -2.82 -7.31
CA PHE B 133 28.68 -4.00 -7.41
C PHE B 133 29.81 -3.81 -8.39
N LEU B 134 30.81 -4.67 -8.26
CA LEU B 134 31.87 -4.84 -9.25
C LEU B 134 31.54 -6.05 -10.10
N ARG B 135 31.71 -5.91 -11.41
CA ARG B 135 31.49 -7.03 -12.32
C ARG B 135 32.73 -7.26 -13.18
N ALA B 136 33.37 -8.42 -12.99
CA ALA B 136 34.49 -8.82 -13.80
C ALA B 136 33.93 -9.69 -14.89
N THR B 137 34.32 -9.40 -16.12
CA THR B 137 33.86 -10.20 -17.24
C THR B 137 35.01 -10.68 -18.11
N ILE B 138 35.08 -11.98 -18.32
CA ILE B 138 35.94 -12.53 -19.35
C ILE B 138 35.09 -12.80 -20.56
N SER B 139 35.26 -11.99 -21.59
CA SER B 139 34.53 -12.21 -22.83
C SER B 139 35.02 -13.47 -23.54
N ARG B 140 34.08 -14.24 -24.08
CA ARG B 140 34.38 -15.42 -24.87
C ARG B 140 33.31 -15.53 -25.94
N ARG B 141 33.58 -16.33 -26.97
CA ARG B 141 32.64 -16.45 -28.08
C ARG B 141 31.39 -17.20 -27.67
N LEU B 142 31.58 -18.27 -26.92
CA LEU B 142 30.45 -19.03 -26.40
C LEU B 142 29.70 -18.25 -25.31
N ASN B 143 30.09 -18.50 -24.05
CA ASN B 143 29.50 -17.79 -22.94
C ASN B 143 30.55 -17.05 -22.14
N ASP B 144 30.30 -15.77 -21.90
CA ASP B 144 31.15 -14.97 -21.01
C ASP B 144 31.21 -15.58 -19.61
N VAL B 145 32.41 -15.61 -19.04
CA VAL B 145 32.54 -15.88 -17.62
C VAL B 145 32.35 -14.55 -16.87
N VAL B 146 31.38 -14.53 -15.98
CA VAL B 146 31.01 -13.29 -15.31
C VAL B 146 30.91 -13.45 -13.81
N LYS B 147 31.55 -12.55 -13.08
CA LYS B 147 31.61 -12.64 -11.63
C LYS B 147 31.25 -11.29 -11.03
N GLU B 148 30.28 -11.29 -10.11
CA GLU B 148 29.83 -10.06 -9.46
C GLU B 148 30.02 -10.10 -7.97
N MET B 149 30.61 -9.03 -7.42
CA MET B 149 30.70 -8.86 -5.97
C MET B 149 29.91 -7.62 -5.56
N ASP B 150 28.89 -7.81 -4.74
CA ASP B 150 28.12 -6.67 -4.25
C ASP B 150 28.91 -5.94 -3.18
N ILE B 151 28.77 -4.63 -3.15
CA ILE B 151 29.26 -3.84 -2.05
C ILE B 151 28.10 -3.01 -1.53
N VAL B 152 28.23 -2.51 -0.31
CA VAL B 152 27.16 -1.71 0.27
C VAL B 152 27.55 -0.26 0.46
N VAL B 153 26.66 0.65 0.10
CA VAL B 153 26.92 2.05 0.26
C VAL B 153 25.92 2.59 1.28
N HIS B 154 26.40 3.47 2.16
CA HIS B 154 25.59 4.16 3.16
C HIS B 154 25.75 5.66 2.94
N THR B 155 24.70 6.42 3.22
CA THR B 155 24.85 7.85 3.16
C THR B 155 24.72 8.46 4.54
N LEU B 156 25.76 9.17 4.96
CA LEU B 156 25.75 9.82 6.26
C LEU B 156 25.20 11.22 6.14
N SER B 157 24.43 11.63 7.14
CA SER B 157 23.95 13.00 7.25
C SER B 157 24.39 13.59 8.58
N THR B 158 24.02 14.85 8.79
CA THR B 158 24.29 15.54 10.05
C THR B 158 23.36 16.73 10.24
N TYR B 159 22.65 16.77 11.37
CA TYR B 159 21.63 17.79 11.58
C TYR B 159 21.80 18.46 12.94
N PRO B 160 21.05 19.56 13.18
CA PRO B 160 20.95 20.38 14.39
C PRO B 160 21.34 19.75 15.74
N GLU B 161 20.68 18.75 16.33
CA GLU B 161 19.40 18.20 15.94
C GLU B 161 18.39 18.75 16.94
N LEU B 162 18.03 20.04 16.79
CA LEU B 162 17.26 20.75 17.82
C LEU B 162 16.06 19.98 18.38
N ASN B 163 15.63 20.40 19.57
CA ASN B 163 14.47 19.81 20.22
C ASN B 163 13.31 20.81 20.31
N SER B 164 12.74 21.15 19.15
CA SER B 164 11.48 21.88 19.11
C SER B 164 10.33 20.91 19.42
N SER B 165 9.12 21.24 19.03
CA SER B 165 8.00 20.32 19.26
C SER B 165 7.14 20.22 18.02
N ILE B 166 6.62 19.01 17.79
CA ILE B 166 5.70 18.76 16.68
C ILE B 166 4.44 18.13 17.23
N LYS B 167 3.28 18.58 16.76
CA LYS B 167 2.01 18.01 17.22
C LYS B 167 1.20 17.49 16.05
N MET B 168 0.62 16.31 16.23
CA MET B 168 -0.48 15.90 15.37
C MET B 168 -1.68 15.56 16.22
N GLU B 169 -2.86 15.80 15.69
CA GLU B 169 -4.08 15.66 16.48
C GLU B 169 -5.14 14.93 15.70
N VAL B 170 -6.12 14.37 16.40
CA VAL B 170 -7.11 13.58 15.73
C VAL B 170 -8.45 13.78 16.42
N GLY B 171 -9.54 13.35 15.76
CA GLY B 171 -10.86 13.41 16.35
C GLY B 171 -11.86 14.30 15.63
N ILE B 172 -13.05 14.42 16.22
CA ILE B 172 -14.10 15.24 15.66
C ILE B 172 -13.92 16.71 16.07
N GLU B 173 -14.99 17.35 16.53
CA GLU B 173 -14.95 18.79 16.80
C GLU B 173 -15.58 19.12 18.14
N ASP B 174 -16.24 18.13 18.72
CA ASP B 174 -16.88 18.29 20.01
C ASP B 174 -17.34 16.91 20.48
N CYS B 175 -16.40 16.14 21.02
CA CYS B 175 -16.65 14.78 21.47
C CYS B 175 -15.36 13.99 21.47
N LEU B 176 -14.36 14.51 20.76
CA LEU B 176 -13.11 13.80 20.60
C LEU B 176 -12.00 14.75 20.13
N HIS B 177 -11.03 14.97 21.00
CA HIS B 177 -9.82 15.68 20.62
C HIS B 177 -8.57 15.08 21.29
N ILE B 178 -7.77 14.37 20.48
CA ILE B 178 -6.54 13.75 20.94
C ILE B 178 -5.39 14.45 20.26
N GLU B 179 -4.32 14.64 21.00
CA GLU B 179 -3.17 15.42 20.54
C GLU B 179 -1.90 14.63 20.86
N PHE B 180 -1.05 14.45 19.86
CA PHE B 180 0.20 13.73 20.05
C PHE B 180 1.36 14.64 19.76
N GLU B 181 2.21 14.85 20.76
CA GLU B 181 3.35 15.75 20.63
C GLU B 181 4.67 15.00 20.71
N TYR B 182 5.66 15.40 19.92
CA TYR B 182 6.96 14.70 19.91
C TYR B 182 8.13 15.59 19.52
N ASN B 183 9.33 15.22 19.96
CA ASN B 183 10.43 16.18 20.01
C ASN B 183 10.99 16.65 18.68
N LYS B 184 11.03 15.77 17.69
CA LYS B 184 11.77 16.07 16.48
C LYS B 184 10.94 15.78 15.25
N SER B 185 11.29 16.42 14.15
CA SER B 185 10.71 16.07 12.85
C SER B 185 11.66 15.15 12.09
N LYS B 186 12.90 15.07 12.57
CA LYS B 186 13.90 14.22 11.99
C LYS B 186 14.58 13.41 13.07
N TYR B 187 14.86 12.15 12.80
CA TYR B 187 15.51 11.24 13.74
C TYR B 187 16.57 10.40 13.02
N HIS B 188 17.64 10.05 13.70
CA HIS B 188 18.58 9.12 13.10
C HIS B 188 18.23 7.69 13.51
N LEU B 189 18.86 6.70 12.89
CA LEU B 189 18.36 5.33 12.97
C LEU B 189 18.45 4.73 14.35
N LYS B 190 19.04 5.46 15.29
CA LYS B 190 19.28 4.90 16.60
C LYS B 190 18.70 5.83 17.65
N ASP B 191 17.88 6.78 17.22
CA ASP B 191 17.36 7.81 18.10
C ASP B 191 16.13 7.31 18.89
N VAL B 192 15.57 8.20 19.71
CA VAL B 192 14.37 7.89 20.47
C VAL B 192 13.30 8.91 20.11
N ILE B 193 12.11 8.44 19.80
CA ILE B 193 11.02 9.36 19.61
C ILE B 193 10.37 9.57 20.97
N VAL B 194 10.38 10.81 21.42
CA VAL B 194 9.93 11.15 22.76
C VAL B 194 8.70 12.06 22.63
N GLY B 195 7.55 11.57 23.05
CA GLY B 195 6.33 12.33 22.88
C GLY B 195 5.33 12.06 23.98
N LYS B 196 4.10 12.53 23.77
CA LYS B 196 3.06 12.46 24.77
C LYS B 196 1.73 12.41 24.08
N ILE B 197 0.83 11.58 24.58
CA ILE B 197 -0.55 11.60 24.12
C ILE B 197 -1.40 12.39 25.11
N TYR B 198 -2.08 13.41 24.62
CA TYR B 198 -2.94 14.25 25.44
C TYR B 198 -4.41 14.00 25.16
N PHE B 199 -5.10 13.35 26.09
CA PHE B 199 -6.54 13.23 25.98
C PHE B 199 -7.22 14.54 26.37
N LEU B 200 -7.48 15.40 25.40
CA LEU B 200 -8.05 16.71 25.68
C LEU B 200 -9.58 16.77 25.64
N SER B 201 -10.24 15.79 25.02
CA SER B 201 -11.71 15.81 24.95
C SER B 201 -12.13 14.40 24.60
N VAL B 202 -12.97 13.82 25.44
CA VAL B 202 -13.36 12.42 25.24
C VAL B 202 -14.84 12.19 25.60
N GLU B 203 -15.72 12.74 24.78
CA GLU B 203 -17.16 12.55 24.93
C GLU B 203 -17.60 11.22 24.34
N ILE B 204 -16.70 10.56 23.62
CA ILE B 204 -17.01 9.27 23.02
C ILE B 204 -16.01 8.24 23.51
N LYS B 205 -16.51 7.07 23.89
CA LYS B 205 -15.65 6.04 24.45
C LYS B 205 -14.65 5.54 23.42
N ILE B 206 -13.38 5.49 23.81
CA ILE B 206 -12.34 4.97 22.94
C ILE B 206 -12.09 3.48 23.15
N LYS B 207 -12.36 2.71 22.10
CA LYS B 207 -12.28 1.27 22.16
C LYS B 207 -10.83 0.82 22.02
N HIS B 208 -10.07 1.57 21.22
CA HIS B 208 -8.69 1.17 20.93
C HIS B 208 -7.87 2.31 20.36
N MET B 209 -6.57 2.32 20.66
CA MET B 209 -5.72 3.38 20.15
C MET B 209 -4.23 2.97 20.07
N GLU B 210 -3.57 3.36 18.98
CA GLU B 210 -2.14 3.07 18.83
C GLU B 210 -1.35 4.12 18.07
N ILE B 211 -0.04 4.13 18.31
CA ILE B 211 0.88 4.88 17.48
C ILE B 211 1.70 3.89 16.66
N ASP B 212 1.78 4.13 15.35
CA ASP B 212 2.53 3.26 14.45
C ASP B 212 3.64 4.05 13.76
N ILE B 213 4.75 3.36 13.49
CA ILE B 213 5.74 3.88 12.58
C ILE B 213 5.58 3.05 11.33
N ILE B 214 5.33 3.72 10.21
CA ILE B 214 5.05 3.01 8.97
C ILE B 214 6.02 3.40 7.88
N LYS B 215 6.52 2.39 7.18
CA LYS B 215 7.41 2.62 6.04
C LYS B 215 6.57 2.59 4.78
N ARG B 216 6.59 3.67 4.02
CA ARG B 216 5.97 3.67 2.68
C ARG B 216 7.02 3.62 1.54
N GLU B 217 7.05 2.52 0.80
CA GLU B 217 7.84 2.43 -0.41
C GLU B 217 6.96 2.80 -1.59
N THR B 218 7.40 3.79 -2.35
CA THR B 218 6.71 4.25 -3.54
C THR B 218 7.57 4.10 -4.79
N THR B 219 7.21 3.17 -5.66
CA THR B 219 8.02 2.88 -6.84
C THR B 219 7.29 3.22 -8.10
N GLY B 220 7.93 3.92 -9.01
CA GLY B 220 7.25 4.00 -10.27
C GLY B 220 7.57 4.97 -11.32
N THR B 221 6.65 5.95 -11.35
CA THR B 221 6.62 7.15 -12.24
C THR B 221 5.62 7.03 -13.38
N GLY B 222 6.12 6.57 -14.51
CA GLY B 222 5.31 6.35 -15.70
C GLY B 222 5.36 4.89 -16.12
N PRO B 223 4.22 4.39 -16.60
CA PRO B 223 2.98 5.18 -16.46
C PRO B 223 2.33 4.86 -15.12
N ASN B 224 2.83 3.80 -14.49
CA ASN B 224 2.24 3.30 -13.26
C ASN B 224 3.14 3.45 -12.04
N VAL B 225 2.51 3.71 -10.91
CA VAL B 225 3.22 3.76 -9.64
C VAL B 225 2.73 2.62 -8.72
N TYR B 226 3.61 2.16 -7.84
CA TYR B 226 3.28 1.06 -6.95
C TYR B 226 3.56 1.50 -5.53
N HIS B 227 2.76 0.96 -4.62
CA HIS B 227 2.78 1.45 -3.26
C HIS B 227 2.79 0.27 -2.33
N GLU B 228 3.68 0.30 -1.33
CA GLU B 228 3.72 -0.74 -0.33
CA GLU B 228 3.76 -0.75 -0.33
C GLU B 228 3.91 -0.13 1.04
N ASN B 229 3.00 -0.47 1.95
CA ASN B 229 3.13 0.03 3.31
C ASN B 229 3.58 -1.09 4.21
N ASP B 230 4.45 -0.76 5.15
CA ASP B 230 5.01 -1.75 6.05
C ASP B 230 4.97 -1.15 7.41
N THR B 231 4.22 -1.79 8.31
CA THR B 231 4.22 -1.30 9.70
C THR B 231 5.45 -1.82 10.43
N ILE B 232 6.36 -0.92 10.75
CA ILE B 232 7.63 -1.28 11.36
C ILE B 232 7.51 -1.43 12.88
N ALA B 233 6.73 -0.56 13.50
CA ALA B 233 6.56 -0.55 14.94
C ALA B 233 5.13 -0.18 15.27
N LYS B 234 4.59 -0.82 16.30
CA LYS B 234 3.22 -0.55 16.70
C LYS B 234 3.21 -0.52 18.21
N TYR B 235 2.93 0.64 18.77
CA TYR B 235 2.92 0.87 20.20
C TYR B 235 1.48 1.12 20.68
N GLU B 236 0.96 0.24 21.53
CA GLU B 236 -0.45 0.30 21.92
C GLU B 236 -0.73 1.13 23.17
N ILE B 237 -1.93 1.71 23.22
CA ILE B 237 -2.37 2.50 24.36
C ILE B 237 -3.57 1.83 25.05
N MET B 238 -3.35 1.49 26.32
CA MET B 238 -4.17 0.53 27.07
C MET B 238 -5.52 1.00 27.63
N ASP B 239 -6.35 0.01 27.97
CA ASP B 239 -7.46 0.12 28.93
C ASP B 239 -8.35 1.36 28.87
N SER B 246 -5.76 13.90 31.41
CA SER B 246 -4.53 13.15 31.61
C SER B 246 -3.69 13.02 30.34
N SER B 247 -2.47 12.54 30.51
CA SER B 247 -1.54 12.35 29.42
C SER B 247 -1.02 10.93 29.49
N ILE B 248 -0.01 10.65 28.68
CA ILE B 248 0.66 9.35 28.67
C ILE B 248 1.95 9.57 27.89
N PRO B 249 3.10 9.26 28.51
CA PRO B 249 4.33 9.57 27.79
C PRO B 249 4.64 8.46 26.79
N ILE B 250 5.23 8.83 25.66
CA ILE B 250 5.58 7.86 24.64
C ILE B 250 7.08 7.82 24.38
N ARG B 251 7.61 6.62 24.24
CA ARG B 251 9.00 6.43 23.85
C ARG B 251 9.15 5.33 22.81
N LEU B 252 9.56 5.69 21.61
CA LEU B 252 9.78 4.67 20.58
C LEU B 252 11.26 4.57 20.36
N PHE B 253 11.82 3.39 20.61
CA PHE B 253 13.27 3.20 20.47
C PHE B 253 13.65 2.66 19.11
N LEU B 254 14.07 3.56 18.22
CA LEU B 254 14.32 3.23 16.83
C LEU B 254 15.37 2.15 16.64
N ALA B 255 16.37 2.12 17.52
CA ALA B 255 17.39 1.10 17.42
C ALA B 255 16.83 -0.30 17.45
N GLY B 256 15.65 -0.48 18.02
CA GLY B 256 15.00 -1.78 18.05
C GLY B 256 14.61 -2.34 16.70
N TYR B 257 14.36 -1.46 15.73
CA TYR B 257 13.69 -1.81 14.48
C TYR B 257 14.60 -1.79 13.22
N GLU B 258 14.30 -2.64 12.23
CA GLU B 258 15.06 -2.60 10.97
C GLU B 258 14.66 -1.34 10.25
N LEU B 259 15.56 -0.37 10.15
CA LEU B 259 15.21 0.85 9.47
C LEU B 259 16.28 1.24 8.46
N THR B 260 15.86 2.04 7.50
CA THR B 260 16.77 2.65 6.55
C THR B 260 16.53 4.12 6.66
N PRO B 261 17.48 4.93 6.16
CA PRO B 261 17.24 6.37 6.09
C PRO B 261 16.07 6.66 5.17
N THR B 262 15.51 7.85 5.27
CA THR B 262 14.55 8.29 4.27
C THR B 262 15.24 8.38 2.91
N MET B 263 14.53 7.95 1.88
CA MET B 263 15.05 7.98 0.51
C MET B 263 14.01 8.67 -0.35
N ARG B 264 14.30 9.87 -0.81
CA ARG B 264 13.28 10.69 -1.46
C ARG B 264 13.50 10.90 -2.97
N ASP B 265 12.59 10.37 -3.78
CA ASP B 265 12.68 10.53 -5.23
C ASP B 265 14.04 10.11 -5.77
N ILE B 266 14.47 8.89 -5.46
CA ILE B 266 15.81 8.45 -5.84
C ILE B 266 15.89 8.31 -7.33
N ASN B 267 16.60 9.23 -8.00
CA ASN B 267 16.67 9.23 -9.46
C ASN B 267 15.29 9.04 -10.11
N LYS B 268 14.29 9.62 -9.47
CA LYS B 268 12.89 9.55 -9.90
C LYS B 268 12.37 8.13 -10.16
N LYS B 269 12.93 7.14 -9.50
CA LYS B 269 12.40 5.81 -9.67
C LYS B 269 11.68 5.34 -8.42
N PHE B 270 12.12 5.78 -7.26
CA PHE B 270 11.43 5.33 -6.06
C PHE B 270 11.67 6.22 -4.88
N SER B 271 10.91 5.92 -3.82
CA SER B 271 10.95 6.66 -2.57
C SER B 271 10.73 5.71 -1.39
N VAL B 272 11.47 5.92 -0.31
CA VAL B 272 11.19 5.24 0.93
C VAL B 272 11.03 6.31 2.01
N ARG B 273 9.83 6.43 2.56
CA ARG B 273 9.56 7.48 3.55
C ARG B 273 8.85 6.90 4.74
N TYR B 274 9.04 7.54 5.89
CA TYR B 274 8.52 7.05 7.16
C TYR B 274 7.51 8.00 7.81
N TYR B 275 6.45 7.42 8.35
CA TYR B 275 5.38 8.19 8.93
C TYR B 275 5.05 7.71 10.33
N LEU B 276 4.76 8.67 11.21
CA LEU B 276 4.09 8.36 12.47
C LEU B 276 2.59 8.34 12.18
N ASN B 277 1.97 7.22 12.54
CA ASN B 277 0.59 7.00 12.23
C ASN B 277 -0.21 6.93 13.52
N LEU B 278 -0.98 7.97 13.80
CA LEU B 278 -1.84 7.94 14.97
C LEU B 278 -3.16 7.25 14.63
N VAL B 279 -3.52 6.26 15.43
CA VAL B 279 -4.73 5.48 15.13
C VAL B 279 -5.66 5.34 16.32
N LEU B 280 -6.94 5.57 16.07
CA LEU B 280 -7.96 5.63 17.12
C LEU B 280 -9.29 5.03 16.70
N ILE B 281 -9.74 4.03 17.46
CA ILE B 281 -11.03 3.40 17.19
C ILE B 281 -12.05 3.67 18.31
N ASP B 282 -13.18 4.27 17.97
CA ASP B 282 -14.18 4.58 18.98
C ASP B 282 -15.16 3.43 19.18
N GLU B 283 -16.13 3.64 20.10
CA GLU B 283 -17.03 2.56 20.52
C GLU B 283 -18.04 2.19 19.44
N GLU B 284 -18.44 3.18 18.63
CA GLU B 284 -19.21 2.92 17.41
C GLU B 284 -18.35 2.23 16.34
N GLU B 285 -17.09 1.95 16.68
CA GLU B 285 -16.18 1.27 15.76
C GLU B 285 -15.60 2.19 14.68
N ARG B 286 -15.75 3.49 14.87
CA ARG B 286 -15.22 4.42 13.89
C ARG B 286 -13.71 4.60 14.00
N ARG B 287 -13.04 4.46 12.85
CA ARG B 287 -11.59 4.61 12.74
C ARG B 287 -11.17 6.06 12.48
N TYR B 288 -10.22 6.54 13.27
CA TYR B 288 -9.69 7.88 13.10
C TYR B 288 -8.18 7.78 12.88
N PHE B 289 -7.71 8.31 11.77
CA PHE B 289 -6.31 8.20 11.41
C PHE B 289 -5.72 9.57 11.22
N LYS B 290 -4.44 9.69 11.52
CA LYS B 290 -3.69 10.87 11.13
C LYS B 290 -2.27 10.42 11.07
N GLN B 291 -1.51 10.97 10.12
CA GLN B 291 -0.10 10.62 9.95
C GLN B 291 0.75 11.85 9.64
N GLN B 292 2.00 11.79 10.05
CA GLN B 292 2.96 12.84 9.74
C GLN B 292 4.30 12.22 9.38
N GLU B 293 5.01 12.83 8.46
CA GLU B 293 6.25 12.22 8.02
C GLU B 293 7.41 12.56 8.94
N VAL B 294 8.21 11.57 9.26
CA VAL B 294 9.45 11.82 9.97
C VAL B 294 10.61 11.45 9.05
N VAL B 295 11.55 12.37 8.89
CA VAL B 295 12.71 12.07 8.08
C VAL B 295 13.68 11.29 8.93
N LEU B 296 14.07 10.10 8.47
CA LEU B 296 15.09 9.32 9.14
C LEU B 296 16.39 9.56 8.41
N TRP B 297 17.49 9.63 9.15
CA TRP B 297 18.81 9.78 8.56
C TRP B 297 19.80 8.88 9.25
N ARG B 298 20.97 8.73 8.65
CA ARG B 298 21.99 7.86 9.22
C ARG B 298 23.13 8.67 9.81
N LYS B 299 23.34 8.53 11.12
CA LYS B 299 24.40 9.22 11.82
C LYS B 299 25.69 8.43 11.66
N GLY B 300 26.79 9.12 11.47
CA GLY B 300 28.08 8.46 11.29
C GLY B 300 28.72 7.99 12.59
#